data_7BA5
#
_entry.id   7BA5
#
_cell.length_a   81.382
_cell.length_b   111.716
_cell.length_c   62.135
_cell.angle_alpha   90.000
_cell.angle_beta   90.000
_cell.angle_gamma   90.000
#
_symmetry.space_group_name_H-M   'C 2 2 21'
#
loop_
_entity.id
_entity.type
_entity.pdbx_description
1 polymer '14-3-3 protein sigma'
2 polymer 'Estrogen receptor'
3 non-polymer 'MAGNESIUM ION'
4 non-polymer 2-(4-fluoranylphenoxy)-2-methyl-~{N}-(2-sulfanylethyl)propanamide
5 water water
#
loop_
_entity_poly.entity_id
_entity_poly.type
_entity_poly.pdbx_seq_one_letter_code
_entity_poly.pdbx_strand_id
1 'polypeptide(L)'
;GAMGSMERASLIQKAKLAEQAERYEDMAAFMKGAVEKGEELSNEERCLLSVAYKNVVGGQRAAWRVLSSIEQKSNEEGSE
EKGPEVREYREKVETELQGVCDTVLGLLDSHLIKEAGDAESRVFYLKMKGDYYRYLAEVATGDDKKRIIDSARSAYQEAM
DISKKEMPPTNPIRLGLALNFSVFHYEIANSPEEAISLAKTTFDEAMADLHTLSEDSYKDSTLIMQLLRDNLTLWT
;
A
2 'polypeptide(L)' AEGFPA(TPO)V B
#
loop_
_chem_comp.id
_chem_comp.type
_chem_comp.name
_chem_comp.formula
MG non-polymer 'MAGNESIUM ION' 'Mg 2'
T5T non-polymer 2-(4-fluoranylphenoxy)-2-methyl-~{N}-(2-sulfanylethyl)propanamide 'C12 H16 F N O2 S'
#
# COMPACT_ATOMS: atom_id res chain seq x y z
N GLY A 1 -2.80 7.93 -23.31
CA GLY A 1 -3.46 8.18 -22.04
C GLY A 1 -4.65 9.11 -22.19
N ALA A 2 -5.81 8.67 -21.67
CA ALA A 2 -7.03 9.45 -21.83
C ALA A 2 -6.97 10.79 -21.11
N MET A 3 -6.04 10.96 -20.17
CA MET A 3 -5.85 12.23 -19.48
C MET A 3 -4.77 13.11 -20.12
N GLY A 4 -4.21 12.67 -21.27
CA GLY A 4 -3.10 13.39 -21.86
C GLY A 4 -3.40 14.81 -22.27
N SER A 5 -4.67 15.12 -22.53
CA SER A 5 -5.01 16.46 -22.98
C SER A 5 -5.40 17.40 -21.84
N MET A 6 -5.43 16.93 -20.59
CA MET A 6 -5.82 17.79 -19.48
C MET A 6 -4.59 18.38 -18.79
N GLU A 7 -4.69 19.66 -18.41
CA GLU A 7 -3.63 20.34 -17.68
C GLU A 7 -3.31 19.61 -16.38
N ARG A 8 -2.01 19.56 -16.05
CA ARG A 8 -1.61 18.95 -14.78
C ARG A 8 -2.40 19.52 -13.59
N ALA A 9 -2.48 20.86 -13.51
CA ALA A 9 -3.16 21.46 -12.36
C ALA A 9 -4.64 21.08 -12.33
N SER A 10 -5.26 20.93 -13.51
CA SER A 10 -6.67 20.53 -13.56
C SER A 10 -6.84 19.08 -13.11
N LEU A 11 -5.89 18.21 -13.45
CA LEU A 11 -5.94 16.83 -12.96
C LEU A 11 -5.86 16.78 -11.45
N ILE A 12 -4.97 17.56 -10.85
CA ILE A 12 -4.84 17.59 -9.40
C ILE A 12 -6.11 18.14 -8.76
N GLN A 13 -6.64 19.24 -9.31
CA GLN A 13 -7.89 19.80 -8.80
C GLN A 13 -9.02 18.78 -8.85
N LYS A 14 -9.13 18.05 -9.96
CA LYS A 14 -10.20 17.06 -10.11
C LYS A 14 -9.97 15.85 -9.21
N ALA A 15 -8.71 15.46 -8.98
CA ALA A 15 -8.46 14.39 -8.01
C ALA A 15 -8.97 14.77 -6.63
N LYS A 16 -8.80 16.04 -6.24
CA LYS A 16 -9.31 16.48 -4.95
C LYS A 16 -10.84 16.48 -4.91
N LEU A 17 -11.48 16.89 -6.01
CA LEU A 17 -12.93 16.83 -6.08
C LEU A 17 -13.42 15.38 -6.01
N ALA A 18 -12.74 14.48 -6.72
CA ALA A 18 -13.12 13.08 -6.73
C ALA A 18 -13.01 12.49 -5.34
N GLU A 19 -11.97 12.87 -4.58
CA GLU A 19 -11.86 12.43 -3.20
C GLU A 19 -13.05 12.89 -2.37
N GLN A 20 -13.44 14.16 -2.51
CA GLN A 20 -14.59 14.65 -1.75
C GLN A 20 -15.86 13.90 -2.11
N ALA A 21 -15.98 13.47 -3.37
CA ALA A 21 -17.14 12.73 -3.85
C ALA A 21 -17.01 11.23 -3.65
N GLU A 22 -15.91 10.77 -3.03
CA GLU A 22 -15.64 9.35 -2.82
C GLU A 22 -15.66 8.56 -4.12
N ARG A 23 -15.14 9.16 -5.18
CA ARG A 23 -15.05 8.54 -6.50
C ARG A 23 -13.58 8.17 -6.71
N TYR A 24 -13.18 7.09 -6.05
CA TYR A 24 -11.76 6.79 -5.97
C TYR A 24 -11.20 6.28 -7.28
N GLU A 25 -11.99 5.60 -8.11
N GLU A 25 -11.99 5.60 -8.11
CA GLU A 25 -11.52 5.21 -9.43
CA GLU A 25 -11.52 5.21 -9.43
C GLU A 25 -11.21 6.43 -10.28
C GLU A 25 -11.21 6.43 -10.28
N ASP A 26 -12.10 7.42 -10.29
CA ASP A 26 -11.81 8.68 -10.96
C ASP A 26 -10.58 9.34 -10.38
N MET A 27 -10.48 9.37 -9.04
CA MET A 27 -9.34 9.99 -8.39
C MET A 27 -8.04 9.36 -8.87
N ALA A 28 -8.01 8.03 -8.95
CA ALA A 28 -6.81 7.33 -9.41
C ALA A 28 -6.50 7.64 -10.86
N ALA A 29 -7.52 7.69 -11.71
CA ALA A 29 -7.25 8.01 -13.11
C ALA A 29 -6.70 9.42 -13.25
N PHE A 30 -7.24 10.37 -12.48
CA PHE A 30 -6.73 11.74 -12.53
C PHE A 30 -5.28 11.79 -12.08
N MET A 31 -4.95 11.09 -11.00
CA MET A 31 -3.58 11.10 -10.49
C MET A 31 -2.61 10.37 -11.41
N LYS A 32 -3.06 9.28 -12.05
CA LYS A 32 -2.24 8.65 -13.08
C LYS A 32 -1.94 9.64 -14.19
N GLY A 33 -2.95 10.41 -14.63
CA GLY A 33 -2.69 11.41 -15.64
C GLY A 33 -1.68 12.45 -15.18
N ALA A 34 -1.77 12.86 -13.92
CA ALA A 34 -0.83 13.84 -13.39
C ALA A 34 0.60 13.27 -13.35
N VAL A 35 0.76 12.04 -12.87
CA VAL A 35 2.09 11.43 -12.86
C VAL A 35 2.65 11.39 -14.26
N GLU A 36 1.81 11.08 -15.25
CA GLU A 36 2.29 10.89 -16.61
C GLU A 36 2.68 12.20 -17.26
N LYS A 37 2.45 13.35 -16.62
CA LYS A 37 3.00 14.61 -17.12
C LYS A 37 4.52 14.64 -17.02
N GLY A 38 5.11 13.75 -16.23
CA GLY A 38 6.56 13.63 -16.19
C GLY A 38 7.25 14.44 -15.13
N GLU A 39 6.55 15.34 -14.46
CA GLU A 39 7.15 16.15 -13.42
C GLU A 39 7.09 15.41 -12.09
N GLU A 40 8.03 15.72 -11.20
CA GLU A 40 8.02 15.15 -9.87
C GLU A 40 6.75 15.60 -9.11
N LEU A 41 6.35 14.82 -8.12
CA LEU A 41 5.18 15.10 -7.32
C LEU A 41 5.57 15.77 -6.01
N SER A 42 4.72 16.67 -5.56
CA SER A 42 4.85 17.24 -4.22
C SER A 42 4.35 16.25 -3.17
N ASN A 43 4.59 16.60 -1.90
N ASN A 43 4.57 16.61 -1.89
CA ASN A 43 4.11 15.78 -0.78
CA ASN A 43 4.11 15.75 -0.80
C ASN A 43 2.62 15.55 -0.89
C ASN A 43 2.60 15.54 -0.87
N GLU A 44 1.85 16.63 -1.06
CA GLU A 44 0.40 16.51 -1.13
C GLU A 44 -0.03 15.66 -2.33
N GLU A 45 0.67 15.81 -3.45
CA GLU A 45 0.33 15.04 -4.65
C GLU A 45 0.63 13.56 -4.46
N ARG A 46 1.72 13.21 -3.76
CA ARG A 46 1.98 11.81 -3.46
C ARG A 46 0.88 11.24 -2.59
N CYS A 47 0.42 12.03 -1.63
CA CYS A 47 -0.71 11.61 -0.79
C CYS A 47 -1.96 11.34 -1.64
N LEU A 48 -2.27 12.24 -2.58
CA LEU A 48 -3.44 12.01 -3.44
C LEU A 48 -3.30 10.73 -4.25
N LEU A 49 -2.12 10.49 -4.81
CA LEU A 49 -1.89 9.29 -5.61
C LEU A 49 -2.08 8.04 -4.75
N SER A 50 -1.47 8.03 -3.57
CA SER A 50 -1.53 6.84 -2.73
C SER A 50 -2.93 6.59 -2.19
N VAL A 51 -3.63 7.65 -1.78
CA VAL A 51 -5.00 7.49 -1.27
C VAL A 51 -5.92 6.94 -2.36
N ALA A 52 -5.77 7.44 -3.58
CA ALA A 52 -6.65 7.00 -4.66
C ALA A 52 -6.49 5.51 -4.90
N TYR A 53 -5.26 5.09 -5.13
CA TYR A 53 -5.03 3.69 -5.47
C TYR A 53 -5.23 2.77 -4.26
N LYS A 54 -4.96 3.25 -3.03
CA LYS A 54 -5.19 2.40 -1.87
C LYS A 54 -6.67 2.08 -1.73
N ASN A 55 -7.54 3.04 -2.05
CA ASN A 55 -8.97 2.81 -1.95
C ASN A 55 -9.46 1.91 -3.08
N VAL A 56 -8.96 2.11 -4.30
CA VAL A 56 -9.36 1.22 -5.40
C VAL A 56 -8.96 -0.22 -5.09
N VAL A 57 -7.68 -0.43 -4.82
CA VAL A 57 -7.22 -1.80 -4.61
C VAL A 57 -7.79 -2.35 -3.32
N GLY A 58 -8.07 -1.51 -2.32
CA GLY A 58 -8.63 -2.00 -1.08
C GLY A 58 -10.00 -2.61 -1.29
N GLY A 59 -10.83 -1.95 -2.08
CA GLY A 59 -12.11 -2.54 -2.45
C GLY A 59 -11.96 -3.83 -3.23
N GLN A 60 -11.00 -3.89 -4.16
CA GLN A 60 -10.79 -5.12 -4.91
C GLN A 60 -10.33 -6.25 -3.99
N ARG A 61 -9.42 -5.96 -3.06
CA ARG A 61 -8.95 -6.97 -2.14
C ARG A 61 -10.08 -7.48 -1.26
N ALA A 62 -10.95 -6.57 -0.78
CA ALA A 62 -12.07 -7.02 0.04
C ALA A 62 -12.99 -7.93 -0.75
N ALA A 63 -13.30 -7.57 -2.00
CA ALA A 63 -14.14 -8.42 -2.84
C ALA A 63 -13.47 -9.75 -3.13
N TRP A 64 -12.16 -9.72 -3.42
CA TRP A 64 -11.42 -10.96 -3.67
C TRP A 64 -11.48 -11.90 -2.46
N ARG A 65 -11.40 -11.35 -1.25
CA ARG A 65 -11.42 -12.19 -0.06
C ARG A 65 -12.79 -12.83 0.14
N VAL A 66 -13.86 -12.08 -0.15
CA VAL A 66 -15.21 -12.66 -0.06
C VAL A 66 -15.33 -13.82 -1.03
N LEU A 67 -14.89 -13.61 -2.27
CA LEU A 67 -15.05 -14.63 -3.30
C LEU A 67 -14.14 -15.83 -3.04
N SER A 68 -12.91 -15.59 -2.59
CA SER A 68 -12.01 -16.69 -2.27
C SER A 68 -12.58 -17.54 -1.13
N SER A 69 -13.18 -16.90 -0.12
CA SER A 69 -13.79 -17.66 0.95
C SER A 69 -14.93 -18.53 0.44
N ILE A 70 -15.79 -17.98 -0.42
CA ILE A 70 -16.87 -18.78 -1.01
C ILE A 70 -16.30 -19.93 -1.82
N GLU A 71 -15.22 -19.66 -2.56
CA GLU A 71 -14.61 -20.69 -3.38
C GLU A 71 -14.03 -21.80 -2.52
N GLN A 72 -13.38 -21.45 -1.41
CA GLN A 72 -12.79 -22.44 -0.52
C GLN A 72 -13.86 -23.34 0.07
N LYS A 73 -15.01 -22.78 0.44
CA LYS A 73 -16.08 -23.62 0.99
C LYS A 73 -16.74 -24.48 -0.09
N SER A 74 -16.85 -23.97 -1.32
CA SER A 74 -17.41 -24.77 -2.40
C SER A 74 -16.53 -25.95 -2.77
N ASN A 75 -15.26 -25.96 -2.34
CA ASN A 75 -14.34 -27.05 -2.62
C ASN A 75 -14.14 -27.99 -1.45
N GLU A 76 -14.84 -27.76 -0.33
CA GLU A 76 -14.74 -28.64 0.82
C GLU A 76 -15.50 -29.94 0.56
N GLU A 77 -15.25 -30.92 1.43
CA GLU A 77 -15.95 -32.20 1.34
C GLU A 77 -17.40 -32.03 1.74
N GLY A 78 -18.30 -32.61 0.95
CA GLY A 78 -19.72 -32.52 1.22
C GLY A 78 -20.41 -31.32 0.61
N SER A 79 -19.65 -30.39 0.04
CA SER A 79 -20.24 -29.25 -0.65
C SER A 79 -20.71 -29.69 -2.03
N GLU A 80 -21.74 -29.01 -2.53
CA GLU A 80 -22.28 -29.34 -3.85
C GLU A 80 -21.56 -28.59 -4.94
N GLU A 81 -21.29 -29.29 -6.03
CA GLU A 81 -20.67 -28.70 -7.19
C GLU A 81 -21.54 -27.58 -7.74
N LYS A 82 -21.02 -26.36 -7.68
CA LYS A 82 -21.71 -25.21 -8.24
C LYS A 82 -21.22 -24.85 -9.64
N GLY A 83 -20.24 -25.58 -10.17
CA GLY A 83 -19.69 -25.30 -11.47
C GLY A 83 -18.51 -24.35 -11.41
N PRO A 84 -18.10 -23.83 -12.57
CA PRO A 84 -16.90 -22.97 -12.63
C PRO A 84 -17.12 -21.52 -12.23
N GLU A 85 -18.34 -21.14 -11.87
CA GLU A 85 -18.67 -19.72 -11.80
C GLU A 85 -17.95 -18.99 -10.68
N VAL A 86 -17.84 -19.61 -9.50
CA VAL A 86 -17.16 -18.94 -8.38
C VAL A 86 -15.70 -18.71 -8.72
N ARG A 87 -15.03 -19.74 -9.23
CA ARG A 87 -13.64 -19.58 -9.64
C ARG A 87 -13.51 -18.52 -10.74
N GLU A 88 -14.39 -18.57 -11.75
CA GLU A 88 -14.29 -17.61 -12.84
C GLU A 88 -14.42 -16.19 -12.33
N TYR A 89 -15.38 -15.95 -11.43
CA TYR A 89 -15.59 -14.58 -10.97
C TYR A 89 -14.48 -14.15 -10.03
N ARG A 90 -14.00 -15.06 -9.18
CA ARG A 90 -12.81 -14.75 -8.38
C ARG A 90 -11.62 -14.41 -9.28
N GLU A 91 -11.44 -15.15 -10.36
N GLU A 91 -11.44 -15.16 -10.37
CA GLU A 91 -10.37 -14.87 -11.31
CA GLU A 91 -10.35 -14.85 -11.29
C GLU A 91 -10.56 -13.51 -11.98
C GLU A 91 -10.55 -13.51 -11.98
N LYS A 92 -11.80 -13.15 -12.27
CA LYS A 92 -12.07 -11.85 -12.90
C LYS A 92 -11.67 -10.72 -11.97
N VAL A 93 -12.06 -10.81 -10.70
CA VAL A 93 -11.68 -9.77 -9.75
C VAL A 93 -10.17 -9.77 -9.55
N GLU A 94 -9.57 -10.95 -9.49
CA GLU A 94 -8.13 -11.08 -9.29
C GLU A 94 -7.36 -10.43 -10.44
N THR A 95 -7.81 -10.65 -11.68
CA THR A 95 -7.14 -10.09 -12.85
C THR A 95 -7.25 -8.57 -12.85
N GLU A 96 -8.40 -8.04 -12.44
N GLU A 96 -8.41 -8.04 -12.45
CA GLU A 96 -8.59 -6.60 -12.35
CA GLU A 96 -8.55 -6.58 -12.37
C GLU A 96 -7.67 -6.00 -11.28
C GLU A 96 -7.65 -6.00 -11.28
N LEU A 97 -7.57 -6.67 -10.12
CA LEU A 97 -6.65 -6.23 -9.07
C LEU A 97 -5.21 -6.24 -9.55
N GLN A 98 -4.80 -7.34 -10.21
CA GLN A 98 -3.45 -7.42 -10.73
C GLN A 98 -3.18 -6.30 -11.72
N GLY A 99 -4.20 -5.96 -12.53
CA GLY A 99 -4.05 -4.87 -13.48
C GLY A 99 -3.80 -3.54 -12.80
N VAL A 100 -4.50 -3.27 -11.70
CA VAL A 100 -4.29 -2.03 -10.97
C VAL A 100 -2.91 -2.01 -10.32
N CYS A 101 -2.50 -3.13 -9.72
CA CYS A 101 -1.16 -3.20 -9.15
C CYS A 101 -0.09 -2.98 -10.22
N ASP A 102 -0.26 -3.59 -11.39
CA ASP A 102 0.74 -3.40 -12.45
C ASP A 102 0.78 -1.95 -12.89
N THR A 103 -0.39 -1.29 -12.93
CA THR A 103 -0.42 0.13 -13.29
C THR A 103 0.37 0.96 -12.29
N VAL A 104 0.15 0.73 -11.00
CA VAL A 104 0.85 1.52 -10.00
C VAL A 104 2.34 1.23 -10.04
N LEU A 105 2.70 -0.06 -10.12
CA LEU A 105 4.11 -0.41 -10.19
C LEU A 105 4.74 0.18 -11.44
N GLY A 106 3.97 0.27 -12.53
CA GLY A 106 4.47 0.91 -13.73
C GLY A 106 4.73 2.39 -13.56
N LEU A 107 3.87 3.10 -12.81
CA LEU A 107 4.12 4.52 -12.55
C LEU A 107 5.35 4.70 -11.71
N LEU A 108 5.54 3.82 -10.72
CA LEU A 108 6.71 3.91 -9.86
C LEU A 108 7.99 3.64 -10.63
N ASP A 109 7.96 2.68 -11.56
CA ASP A 109 9.17 2.36 -12.31
C ASP A 109 9.41 3.31 -13.46
N SER A 110 8.40 4.02 -13.93
CA SER A 110 8.50 4.89 -15.10
C SER A 110 7.74 6.20 -14.80
N HIS A 111 8.34 7.11 -14.04
CA HIS A 111 9.74 7.09 -13.61
C HIS A 111 9.86 7.73 -12.22
N LEU A 112 8.87 7.48 -11.36
CA LEU A 112 8.83 8.17 -10.07
C LEU A 112 10.04 7.87 -9.20
N ILE A 113 10.39 6.59 -9.05
CA ILE A 113 11.45 6.23 -8.12
C ILE A 113 12.80 6.76 -8.59
N LYS A 114 13.11 6.62 -9.87
CA LYS A 114 14.44 7.03 -10.33
C LYS A 114 14.68 8.53 -10.19
N GLU A 115 13.62 9.34 -10.16
CA GLU A 115 13.81 10.77 -10.00
C GLU A 115 13.70 11.24 -8.56
N ALA A 116 13.38 10.34 -7.63
CA ALA A 116 13.13 10.69 -6.24
C ALA A 116 14.45 10.62 -5.47
N GLY A 117 14.99 11.79 -5.13
CA GLY A 117 16.26 11.87 -4.42
C GLY A 117 16.14 12.23 -2.95
N ASP A 118 15.10 12.96 -2.58
CA ASP A 118 14.90 13.27 -1.17
C ASP A 118 14.31 12.06 -0.46
N ALA A 119 14.68 11.91 0.81
CA ALA A 119 14.19 10.76 1.57
C ALA A 119 12.68 10.68 1.61
N GLU A 120 11.99 11.81 1.83
N GLU A 120 11.99 11.82 1.79
CA GLU A 120 10.54 11.74 1.97
CA GLU A 120 10.53 11.78 1.97
C GLU A 120 9.88 11.18 0.71
C GLU A 120 9.80 11.35 0.71
N SER A 121 10.40 11.56 -0.47
CA SER A 121 9.79 11.06 -1.69
C SER A 121 10.23 9.64 -1.98
N ARG A 122 11.53 9.36 -1.88
CA ARG A 122 12.03 8.05 -2.24
C ARG A 122 11.50 6.97 -1.31
N VAL A 123 11.50 7.22 0.00
CA VAL A 123 10.94 6.26 0.94
C VAL A 123 9.46 6.02 0.66
N PHE A 124 8.71 7.10 0.39
CA PHE A 124 7.27 6.96 0.12
C PHE A 124 7.04 6.06 -1.09
N TYR A 125 7.79 6.28 -2.18
CA TYR A 125 7.59 5.50 -3.39
C TYR A 125 8.03 4.05 -3.21
N LEU A 126 9.14 3.82 -2.48
CA LEU A 126 9.57 2.45 -2.26
C LEU A 126 8.59 1.71 -1.35
N LYS A 127 8.01 2.42 -0.37
CA LYS A 127 6.93 1.83 0.41
C LYS A 127 5.76 1.43 -0.49
N MET A 128 5.35 2.31 -1.40
CA MET A 128 4.28 1.97 -2.32
C MET A 128 4.64 0.75 -3.16
N LYS A 129 5.88 0.69 -3.63
CA LYS A 129 6.30 -0.47 -4.41
C LYS A 129 6.16 -1.76 -3.59
N GLY A 130 6.61 -1.73 -2.33
CA GLY A 130 6.40 -2.89 -1.45
C GLY A 130 4.93 -3.21 -1.26
N ASP A 131 4.10 -2.19 -1.07
CA ASP A 131 2.66 -2.40 -0.88
C ASP A 131 2.03 -3.12 -2.08
N TYR A 132 2.32 -2.64 -3.29
CA TYR A 132 1.63 -3.21 -4.46
C TYR A 132 2.19 -4.57 -4.84
N TYR A 133 3.49 -4.84 -4.60
CA TYR A 133 3.96 -6.22 -4.70
C TYR A 133 3.32 -7.09 -3.63
N ARG A 134 3.08 -6.54 -2.43
CA ARG A 134 2.42 -7.31 -1.39
C ARG A 134 0.99 -7.69 -1.81
N TYR A 135 0.25 -6.76 -2.43
CA TYR A 135 -1.09 -7.09 -2.90
C TYR A 135 -1.04 -8.17 -3.99
N LEU A 136 -0.05 -8.10 -4.89
CA LEU A 136 0.12 -9.19 -5.86
C LEU A 136 0.43 -10.50 -5.16
N ALA A 137 1.24 -10.45 -4.09
CA ALA A 137 1.60 -11.67 -3.37
C ALA A 137 0.40 -12.30 -2.69
N GLU A 138 -0.58 -11.47 -2.26
CA GLU A 138 -1.76 -11.99 -1.60
C GLU A 138 -2.53 -12.95 -2.50
N VAL A 139 -2.44 -12.76 -3.82
CA VAL A 139 -3.21 -13.56 -4.78
C VAL A 139 -2.34 -14.50 -5.59
N ALA A 140 -1.03 -14.53 -5.36
CA ALA A 140 -0.11 -15.23 -6.23
C ALA A 140 -0.09 -16.72 -5.91
N THR A 141 -0.07 -17.55 -6.97
CA THR A 141 0.04 -19.00 -6.82
C THR A 141 1.00 -19.66 -7.79
N GLY A 142 1.61 -18.92 -8.73
CA GLY A 142 2.35 -19.49 -9.82
C GLY A 142 3.86 -19.59 -9.59
N ASP A 143 4.57 -19.85 -10.69
CA ASP A 143 6.02 -20.01 -10.64
C ASP A 143 6.72 -18.80 -10.07
N ASP A 144 6.15 -17.61 -10.24
CA ASP A 144 6.82 -16.37 -9.85
C ASP A 144 6.43 -15.90 -8.45
N LYS A 145 5.69 -16.71 -7.68
CA LYS A 145 5.23 -16.29 -6.36
C LYS A 145 6.37 -15.87 -5.45
N LYS A 146 7.42 -16.69 -5.36
CA LYS A 146 8.50 -16.30 -4.46
C LYS A 146 9.20 -15.04 -4.92
N ARG A 147 9.30 -14.81 -6.23
CA ARG A 147 9.91 -13.59 -6.73
C ARG A 147 9.02 -12.38 -6.47
N ILE A 148 7.71 -12.56 -6.51
CA ILE A 148 6.81 -11.46 -6.15
C ILE A 148 6.98 -11.11 -4.68
N ILE A 149 7.02 -12.13 -3.82
CA ILE A 149 7.21 -11.89 -2.39
C ILE A 149 8.54 -11.19 -2.14
N ASP A 150 9.59 -11.63 -2.83
CA ASP A 150 10.88 -11.01 -2.62
C ASP A 150 10.97 -9.60 -3.19
N SER A 151 10.19 -9.30 -4.24
CA SER A 151 10.16 -7.94 -4.75
C SER A 151 9.53 -6.99 -3.73
N ALA A 152 8.49 -7.45 -3.03
CA ALA A 152 7.94 -6.66 -1.94
C ALA A 152 8.98 -6.47 -0.84
N ARG A 153 9.61 -7.55 -0.41
CA ARG A 153 10.60 -7.48 0.66
C ARG A 153 11.73 -6.52 0.31
N SER A 154 12.26 -6.65 -0.92
CA SER A 154 13.38 -5.83 -1.37
C SER A 154 13.01 -4.34 -1.38
N ALA A 155 11.83 -4.01 -1.89
CA ALA A 155 11.41 -2.61 -1.92
C ALA A 155 11.24 -2.05 -0.50
N TYR A 156 10.57 -2.81 0.36
CA TYR A 156 10.39 -2.39 1.74
C TYR A 156 11.75 -2.24 2.44
N GLN A 157 12.67 -3.16 2.17
CA GLN A 157 13.97 -3.13 2.84
C GLN A 157 14.79 -1.91 2.42
N GLU A 158 14.78 -1.58 1.13
CA GLU A 158 15.49 -0.37 0.70
C GLU A 158 14.87 0.87 1.34
N ALA A 159 13.55 0.91 1.42
CA ALA A 159 12.87 2.03 2.08
C ALA A 159 13.27 2.11 3.55
N MET A 160 13.32 0.97 4.23
CA MET A 160 13.72 0.95 5.64
C MET A 160 15.13 1.47 5.79
N ASP A 161 16.03 1.04 4.92
CA ASP A 161 17.42 1.44 5.04
C ASP A 161 17.58 2.95 4.90
N ILE A 162 16.88 3.55 3.91
CA ILE A 162 16.93 5.00 3.75
C ILE A 162 16.27 5.71 4.93
N SER A 163 15.11 5.20 5.37
CA SER A 163 14.39 5.89 6.44
C SER A 163 15.18 5.88 7.74
N LYS A 164 15.90 4.80 8.01
CA LYS A 164 16.68 4.75 9.25
C LYS A 164 17.84 5.72 9.23
N LYS A 165 18.38 6.00 8.04
CA LYS A 165 19.52 6.92 7.94
C LYS A 165 19.09 8.38 7.84
N GLU A 166 17.91 8.65 7.28
CA GLU A 166 17.54 9.98 6.81
C GLU A 166 16.29 10.57 7.44
N MET A 167 15.57 9.84 8.28
CA MET A 167 14.34 10.33 8.87
C MET A 167 14.33 10.09 10.37
N PRO A 168 13.69 10.96 11.15
CA PRO A 168 13.52 10.70 12.58
C PRO A 168 12.59 9.51 12.78
N PRO A 169 12.70 8.83 13.93
CA PRO A 169 11.85 7.65 14.17
C PRO A 169 10.37 7.97 14.29
N THR A 170 10.00 9.24 14.46
CA THR A 170 8.60 9.64 14.48
C THR A 170 8.05 10.06 13.12
N ASN A 171 8.88 10.12 12.07
CA ASN A 171 8.40 10.55 10.77
CA ASN A 171 8.40 10.55 10.77
C ASN A 171 7.24 9.66 10.33
N PRO A 172 6.07 10.22 9.99
CA PRO A 172 4.92 9.36 9.65
C PRO A 172 5.15 8.44 8.47
N ILE A 173 5.96 8.84 7.48
CA ILE A 173 6.28 7.94 6.38
C ILE A 173 7.09 6.74 6.88
N ARG A 174 8.08 7.00 7.73
CA ARG A 174 8.86 5.92 8.31
C ARG A 174 7.98 5.01 9.17
N LEU A 175 7.09 5.59 9.97
CA LEU A 175 6.18 4.78 10.78
C LEU A 175 5.24 3.95 9.92
N GLY A 176 4.66 4.55 8.87
CA GLY A 176 3.74 3.80 8.04
C GLY A 176 4.44 2.70 7.25
N LEU A 177 5.67 2.98 6.82
CA LEU A 177 6.46 1.95 6.17
C LEU A 177 6.68 0.77 7.10
N ALA A 178 7.08 1.04 8.36
CA ALA A 178 7.32 -0.03 9.30
C ALA A 178 6.04 -0.80 9.61
N LEU A 179 4.92 -0.09 9.78
CA LEU A 179 3.63 -0.74 9.98
C LEU A 179 3.35 -1.75 8.87
N ASN A 180 3.50 -1.31 7.61
CA ASN A 180 3.15 -2.15 6.48
C ASN A 180 4.16 -3.28 6.28
N PHE A 181 5.45 -3.01 6.50
CA PHE A 181 6.46 -4.07 6.37
C PHE A 181 6.25 -5.13 7.43
N SER A 182 5.84 -4.70 8.63
CA SER A 182 5.50 -5.65 9.69
C SER A 182 4.33 -6.54 9.27
N VAL A 183 3.29 -5.95 8.64
CA VAL A 183 2.18 -6.75 8.13
C VAL A 183 2.65 -7.70 7.02
N PHE A 184 3.54 -7.22 6.14
CA PHE A 184 4.15 -8.12 5.16
C PHE A 184 4.78 -9.34 5.83
N HIS A 185 5.57 -9.11 6.89
CA HIS A 185 6.20 -10.23 7.57
C HIS A 185 5.16 -11.19 8.12
N TYR A 186 4.10 -10.66 8.73
CA TYR A 186 3.11 -11.51 9.39
C TYR A 186 2.28 -12.28 8.38
N GLU A 187 1.78 -11.60 7.35
N GLU A 187 1.77 -11.59 7.36
CA GLU A 187 0.77 -12.17 6.46
CA GLU A 187 0.75 -12.15 6.46
C GLU A 187 1.35 -12.82 5.22
C GLU A 187 1.32 -12.78 5.20
N ILE A 188 2.46 -12.32 4.71
CA ILE A 188 3.03 -12.79 3.45
C ILE A 188 4.22 -13.71 3.66
N ALA A 189 5.14 -13.32 4.53
CA ALA A 189 6.39 -14.06 4.69
C ALA A 189 6.31 -15.15 5.74
N ASN A 190 5.16 -15.31 6.40
CA ASN A 190 5.00 -16.33 7.45
C ASN A 190 6.04 -16.16 8.54
N SER A 191 6.30 -14.89 8.90
CA SER A 191 7.34 -14.53 9.87
C SER A 191 6.71 -13.68 10.97
N PRO A 192 5.82 -14.26 11.79
CA PRO A 192 5.17 -13.45 12.83
C PRO A 192 6.13 -12.89 13.86
N GLU A 193 7.21 -13.59 14.18
CA GLU A 193 8.16 -13.04 15.15
C GLU A 193 8.82 -11.79 14.62
N GLU A 194 9.21 -11.78 13.34
CA GLU A 194 9.79 -10.57 12.74
C GLU A 194 8.78 -9.44 12.67
N ALA A 195 7.52 -9.78 12.38
CA ALA A 195 6.46 -8.77 12.35
C ALA A 195 6.30 -8.10 13.71
N ILE A 196 6.24 -8.90 14.77
CA ILE A 196 6.05 -8.38 16.12
C ILE A 196 7.29 -7.57 16.55
N SER A 197 8.48 -8.07 16.27
CA SER A 197 9.70 -7.36 16.65
C SER A 197 9.78 -6.01 15.95
N LEU A 198 9.49 -5.98 14.66
CA LEU A 198 9.54 -4.71 13.94
C LEU A 198 8.51 -3.72 14.49
N ALA A 199 7.27 -4.18 14.71
CA ALA A 199 6.26 -3.26 15.24
C ALA A 199 6.67 -2.74 16.62
N LYS A 200 7.23 -3.60 17.48
CA LYS A 200 7.58 -3.19 18.84
C LYS A 200 8.75 -2.21 18.84
N THR A 201 9.82 -2.54 18.12
CA THR A 201 10.97 -1.64 18.03
C THR A 201 10.57 -0.30 17.43
N THR A 202 9.75 -0.30 16.36
CA THR A 202 9.31 0.95 15.76
C THR A 202 8.52 1.78 16.75
N PHE A 203 7.61 1.15 17.48
CA PHE A 203 6.78 1.87 18.45
C PHE A 203 7.66 2.49 19.54
N ASP A 204 8.59 1.72 20.08
CA ASP A 204 9.41 2.20 21.20
C ASP A 204 10.35 3.32 20.78
N GLU A 205 10.96 3.19 19.60
CA GLU A 205 11.85 4.25 19.13
C GLU A 205 11.07 5.53 18.81
N ALA A 206 9.83 5.41 18.35
CA ALA A 206 9.02 6.61 18.12
C ALA A 206 8.63 7.25 19.45
N MET A 207 8.24 6.43 20.42
CA MET A 207 7.84 6.97 21.72
C MET A 207 8.93 7.87 22.30
N ALA A 208 10.19 7.42 22.23
CA ALA A 208 11.33 8.14 22.77
C ALA A 208 11.64 9.43 22.03
N ASP A 209 11.07 9.64 20.85
CA ASP A 209 11.33 10.82 20.04
C ASP A 209 10.16 11.81 20.01
N LEU A 210 9.02 11.45 20.62
CA LEU A 210 7.84 12.32 20.59
C LEU A 210 8.11 13.66 21.25
N HIS A 211 9.03 13.70 22.22
CA HIS A 211 9.28 14.93 22.97
C HIS A 211 9.81 16.05 22.09
N THR A 212 10.30 15.74 20.90
CA THR A 212 10.84 16.75 20.00
C THR A 212 9.78 17.41 19.14
N LEU A 213 8.54 16.93 19.18
CA LEU A 213 7.52 17.29 18.20
C LEU A 213 6.61 18.40 18.67
N SER A 214 6.13 19.17 17.69
CA SER A 214 5.01 20.07 17.90
C SER A 214 3.73 19.27 18.11
N GLU A 215 2.66 19.97 18.51
CA GLU A 215 1.41 19.27 18.77
C GLU A 215 0.83 18.66 17.50
N ASP A 216 0.96 19.36 16.36
N ASP A 216 0.95 19.37 16.37
CA ASP A 216 0.43 18.81 15.12
CA ASP A 216 0.45 18.81 15.11
C ASP A 216 1.24 17.59 14.65
C ASP A 216 1.24 17.58 14.70
N SER A 217 2.56 17.63 14.78
CA SER A 217 3.38 16.48 14.42
C SER A 217 3.14 15.31 15.37
N TYR A 218 2.96 15.62 16.65
CA TYR A 218 2.63 14.60 17.64
C TYR A 218 1.35 13.86 17.27
N LYS A 219 0.31 14.59 16.81
CA LYS A 219 -0.93 13.94 16.43
C LYS A 219 -0.73 12.96 15.28
N ASP A 220 0.05 13.35 14.27
CA ASP A 220 0.28 12.47 13.13
C ASP A 220 1.08 11.23 13.55
N SER A 221 2.13 11.42 14.35
CA SER A 221 2.95 10.29 14.73
C SER A 221 2.20 9.33 15.64
N THR A 222 1.48 9.87 16.64
CA THR A 222 0.78 8.98 17.56
C THR A 222 -0.35 8.22 16.88
N LEU A 223 -0.95 8.79 15.83
CA LEU A 223 -1.98 8.05 15.10
C LEU A 223 -1.42 6.75 14.55
N ILE A 224 -0.25 6.82 13.91
CA ILE A 224 0.33 5.60 13.34
C ILE A 224 0.85 4.70 14.43
N MET A 225 1.38 5.27 15.51
CA MET A 225 1.82 4.43 16.63
C MET A 225 0.65 3.62 17.19
N GLN A 226 -0.54 4.20 17.23
CA GLN A 226 -1.71 3.46 17.71
C GLN A 226 -2.02 2.27 16.81
N LEU A 227 -1.81 2.42 15.49
CA LEU A 227 -2.00 1.29 14.57
C LEU A 227 -0.99 0.18 14.83
N LEU A 228 0.27 0.54 15.12
CA LEU A 228 1.26 -0.46 15.50
C LEU A 228 0.81 -1.21 16.75
N ARG A 229 0.33 -0.46 17.76
CA ARG A 229 -0.13 -1.10 18.98
C ARG A 229 -1.34 -1.99 18.73
N ASP A 230 -2.26 -1.52 17.88
CA ASP A 230 -3.43 -2.34 17.51
C ASP A 230 -2.99 -3.67 16.93
N ASN A 231 -2.03 -3.64 15.99
CA ASN A 231 -1.57 -4.90 15.41
C ASN A 231 -0.90 -5.77 16.44
N LEU A 232 -0.05 -5.18 17.30
CA LEU A 232 0.59 -5.97 18.35
C LEU A 232 -0.44 -6.64 19.24
N THR A 233 -1.54 -5.94 19.55
CA THR A 233 -2.61 -6.52 20.36
C THR A 233 -3.30 -7.67 19.63
N LEU A 234 -3.51 -7.53 18.33
CA LEU A 234 -4.07 -8.62 17.54
C LEU A 234 -3.16 -9.84 17.54
N TRP A 235 -1.84 -9.64 17.59
CA TRP A 235 -0.89 -10.71 17.35
C TRP A 235 -0.32 -11.33 18.61
N THR A 236 -0.54 -10.73 19.77
CA THR A 236 0.06 -11.21 21.00
C THR A 236 -0.99 -11.37 22.10
N GLY B 3 -10.04 -10.70 7.41
CA GLY B 3 -9.66 -9.60 8.28
C GLY B 3 -8.37 -8.91 7.86
N PHE B 4 -8.32 -7.60 8.06
CA PHE B 4 -7.17 -6.79 7.69
C PHE B 4 -6.50 -6.26 8.96
N PRO B 5 -5.28 -6.68 9.30
CA PRO B 5 -4.50 -5.87 10.24
C PRO B 5 -4.32 -4.48 9.64
N ALA B 6 -3.95 -3.52 10.49
CA ALA B 6 -3.87 -2.15 10.05
C ALA B 6 -2.67 -1.91 9.14
N TPO B 7 -2.92 -1.27 7.99
CA TPO B 7 -1.88 -0.75 7.10
CB TPO B 7 -1.64 -1.68 5.88
CG2 TPO B 7 -1.04 -3.03 6.28
OG1 TPO B 7 -2.95 -1.79 5.28
P TPO B 7 -3.06 -2.47 3.82
O1P TPO B 7 -4.53 -2.01 3.36
O2P TPO B 7 -2.96 -3.94 3.93
O3P TPO B 7 -1.92 -1.87 2.87
C TPO B 7 -2.29 0.65 6.65
O TPO B 7 -3.49 1.00 6.70
N VAL B 8 -1.31 1.47 6.26
CA VAL B 8 -1.58 2.81 5.75
C VAL B 8 -1.04 3.04 4.35
MG MG C . 15.94 -5.16 12.91
MG MG D . 0.68 21.99 -19.30
MG MG E . -5.17 -15.80 -11.71
O1 T5T F . -3.41 9.65 6.32
C7 T5T F . -0.13 7.86 5.15
C2 T5T F . 0.53 8.24 6.31
C3 T5T F . 1.85 7.82 6.51
C4 T5T F . 2.49 7.02 5.58
C5 T5T F . 1.81 6.64 4.43
C6 T5T F . 0.50 7.06 4.21
C1 T5T F . -1.45 9.18 7.56
C8 T5T F . -1.55 10.08 8.80
C9 T5T F . -2.21 9.84 6.44
C10 T5T F . -2.16 11.28 4.47
C11 T5T F . -2.10 10.44 3.20
N T5T F . -1.52 10.62 5.62
C T5T F . -2.06 7.82 7.89
O T5T F . -0.05 9.06 7.27
F T5T F . 2.43 5.88 3.52
S T5T F . -0.44 10.43 2.49
#